data_7AWV
#
_entry.id   7AWV
#
_cell.length_a   140.652
_cell.length_b   140.652
_cell.length_c   40.568
_cell.angle_alpha   90.000
_cell.angle_beta   90.000
_cell.angle_gamma   120.000
#
_symmetry.space_group_name_H-M   'P 62'
#
loop_
_entity.id
_entity.type
_entity.pdbx_description
1 polymer 'FMN-dependent NADH-azoreductase'
2 non-polymer 'FLAVIN MONONUCLEOTIDE'
3 non-polymer 'ISOPROPYL ALCOHOL'
4 non-polymer DI(HYDROXYETHYL)ETHER
5 water water
#
_entity_poly.entity_id   1
_entity_poly.type   'polypeptide(L)'
_entity_poly.pdbx_seq_one_letter_code
;MAHLLHIDSSISGPASVSRPLTARAAANWKAAHPDGTVTYRDLGASPLPHINTASALAGVTPAAERRPEQSAAWAVSELV
VEEVREATTIILGLPLYNYGPPSSVKAWVDYLIAPGLSLDAHTRAPLLGRRELLVLATRGGGFGPGTPREGWDHAQPWLP
HGLAMTGLEPEFITTELTLAPVTPGMEHLVPLAKESRAAAERAIDQRWVTSLVR
;
_entity_poly.pdbx_strand_id   A,B
#
loop_
_chem_comp.id
_chem_comp.type
_chem_comp.name
_chem_comp.formula
FMN non-polymer 'FLAVIN MONONUCLEOTIDE' 'C17 H21 N4 O9 P'
IPA non-polymer 'ISOPROPYL ALCOHOL' 'C3 H8 O'
PEG non-polymer DI(HYDROXYETHYL)ETHER 'C4 H10 O3'
#
# COMPACT_ATOMS: atom_id res chain seq x y z
N MET A 1 24.58 6.60 -19.38
CA MET A 1 23.91 6.62 -20.74
C MET A 1 22.38 6.48 -20.55
N ALA A 2 21.59 7.10 -21.43
CA ALA A 2 20.12 7.28 -21.32
C ALA A 2 19.44 5.92 -21.26
N HIS A 3 18.65 5.69 -20.21
CA HIS A 3 17.97 4.39 -20.00
C HIS A 3 16.66 4.61 -19.26
N LEU A 4 15.61 3.96 -19.77
CA LEU A 4 14.23 4.11 -19.27
C LEU A 4 13.85 2.83 -18.52
N LEU A 5 13.39 3.02 -17.30
CA LEU A 5 12.62 1.97 -16.58
C LEU A 5 11.14 2.34 -16.70
N HIS A 6 10.37 1.51 -17.40
CA HIS A 6 8.91 1.70 -17.64
C HIS A 6 8.22 0.69 -16.75
N ILE A 7 7.49 1.17 -15.74
CA ILE A 7 6.77 0.28 -14.79
C ILE A 7 5.27 0.51 -14.90
N ASP A 8 4.53 -0.55 -15.08
CA ASP A 8 3.06 -0.50 -15.04
C ASP A 8 2.64 -1.18 -13.73
N SER A 9 1.58 -0.70 -13.12
CA SER A 9 0.93 -1.40 -11.97
C SER A 9 -0.59 -1.53 -12.13
N SER A 10 -1.21 -1.13 -13.24
CA SER A 10 -2.68 -1.28 -13.46
C SER A 10 -3.05 -2.76 -13.46
N ILE A 11 -4.18 -3.11 -12.83
CA ILE A 11 -4.79 -4.46 -12.91
C ILE A 11 -6.05 -4.41 -13.81
N SER A 12 -6.34 -3.29 -14.47
CA SER A 12 -7.55 -3.08 -15.33
C SER A 12 -7.43 -3.71 -16.74
N GLY A 13 -6.28 -4.20 -17.19
CA GLY A 13 -6.16 -4.77 -18.55
C GLY A 13 -6.56 -3.77 -19.63
N PRO A 14 -7.43 -4.14 -20.64
CA PRO A 14 -7.90 -3.22 -21.67
C PRO A 14 -8.61 -1.95 -21.17
N ALA A 15 -9.21 -1.98 -19.96
CA ALA A 15 -9.87 -0.79 -19.38
C ALA A 15 -8.86 0.16 -18.72
N SER A 16 -7.56 -0.17 -18.65
CA SER A 16 -6.57 0.68 -17.92
C SER A 16 -6.49 2.07 -18.55
N VAL A 17 -6.53 3.13 -17.74
CA VAL A 17 -6.20 4.52 -18.14
C VAL A 17 -4.68 4.73 -18.03
N SER A 18 -3.99 4.12 -17.07
CA SER A 18 -2.55 4.42 -16.79
C SER A 18 -1.70 3.73 -17.83
N ARG A 19 -2.07 2.54 -18.34
CA ARG A 19 -1.20 1.78 -19.28
C ARG A 19 -0.98 2.57 -20.58
N PRO A 20 -2.04 3.10 -21.26
CA PRO A 20 -1.86 3.95 -22.44
C PRO A 20 -1.00 5.18 -22.14
N LEU A 21 -1.14 5.77 -20.95
CA LEU A 21 -0.41 7.01 -20.60
C LEU A 21 1.09 6.70 -20.44
N THR A 22 1.45 5.56 -19.84
CA THR A 22 2.87 5.20 -19.63
C THR A 22 3.46 4.73 -20.97
N ALA A 23 2.69 4.03 -21.84
CA ALA A 23 3.16 3.66 -23.19
C ALA A 23 3.40 4.96 -23.99
N ARG A 24 2.54 5.94 -23.84
CA ARG A 24 2.70 7.23 -24.57
C ARG A 24 3.99 7.87 -24.11
N ALA A 25 4.18 8.00 -22.80
CA ALA A 25 5.36 8.63 -22.17
C ALA A 25 6.63 7.90 -22.60
N ALA A 26 6.61 6.58 -22.58
CA ALA A 26 7.77 5.75 -22.95
C ALA A 26 8.13 6.01 -24.42
N ALA A 27 7.16 6.07 -25.34
CA ALA A 27 7.44 6.32 -26.79
C ALA A 27 7.92 7.77 -26.96
N ASN A 28 7.30 8.73 -26.26
CA ASN A 28 7.79 10.14 -26.25
C ASN A 28 9.23 10.22 -25.74
N TRP A 29 9.55 9.44 -24.70
CA TRP A 29 10.91 9.40 -24.13
C TRP A 29 11.86 8.80 -25.17
N LYS A 30 11.52 7.66 -25.79
CA LYS A 30 12.41 6.96 -26.76
C LYS A 30 12.73 7.93 -27.91
N ALA A 31 11.76 8.73 -28.34
CA ALA A 31 11.96 9.73 -29.43
C ALA A 31 12.89 10.89 -28.98
N ALA A 32 12.80 11.33 -27.73
CA ALA A 32 13.68 12.38 -27.18
C ALA A 32 15.05 11.79 -26.80
N HIS A 33 15.21 10.48 -26.66
CA HIS A 33 16.46 9.78 -26.26
C HIS A 33 16.70 8.63 -27.25
N PRO A 34 17.11 8.95 -28.50
CA PRO A 34 17.13 7.98 -29.58
C PRO A 34 18.18 6.85 -29.43
N ASP A 35 19.22 6.99 -28.63
CA ASP A 35 20.07 5.80 -28.34
C ASP A 35 19.63 5.09 -27.07
N GLY A 36 18.56 5.56 -26.42
CA GLY A 36 18.09 5.03 -25.15
C GLY A 36 17.48 3.67 -25.32
N THR A 37 17.86 2.74 -24.44
CA THR A 37 17.23 1.41 -24.32
C THR A 37 16.18 1.49 -23.21
N VAL A 38 15.38 0.44 -23.08
CA VAL A 38 14.20 0.41 -22.17
C VAL A 38 14.14 -0.94 -21.45
N THR A 39 13.91 -0.90 -20.14
CA THR A 39 13.53 -2.09 -19.36
C THR A 39 12.06 -1.93 -18.98
N TYR A 40 11.27 -2.98 -19.11
CA TYR A 40 9.81 -2.95 -18.80
C TYR A 40 9.52 -3.84 -17.59
N ARG A 41 8.69 -3.36 -16.68
CA ARG A 41 8.18 -4.13 -15.52
C ARG A 41 6.67 -3.90 -15.40
N ASP A 42 5.91 -4.98 -15.35
CA ASP A 42 4.42 -4.96 -15.19
C ASP A 42 4.13 -5.60 -13.85
N LEU A 43 4.07 -4.77 -12.79
CA LEU A 43 3.66 -5.21 -11.42
C LEU A 43 2.16 -5.59 -11.38
N GLY A 44 1.35 -5.06 -12.29
CA GLY A 44 -0.06 -5.45 -12.53
C GLY A 44 -0.21 -6.92 -12.84
N ALA A 45 0.46 -7.37 -13.89
CA ALA A 45 0.40 -8.76 -14.37
C ALA A 45 1.20 -9.66 -13.46
N SER A 46 2.39 -9.19 -13.06
CA SER A 46 3.42 -10.04 -12.44
C SER A 46 3.92 -9.37 -11.19
N PRO A 47 3.05 -9.12 -10.17
CA PRO A 47 3.47 -8.46 -8.93
C PRO A 47 4.58 -9.27 -8.25
N LEU A 48 5.47 -8.55 -7.58
CA LEU A 48 6.48 -9.16 -6.68
C LEU A 48 5.74 -9.55 -5.41
N PRO A 49 6.06 -10.73 -4.84
CA PRO A 49 5.35 -11.27 -3.69
C PRO A 49 5.58 -10.40 -2.45
N HIS A 50 4.59 -10.41 -1.56
CA HIS A 50 4.65 -9.71 -0.25
C HIS A 50 5.92 -10.16 0.48
N ILE A 51 6.63 -9.22 1.08
CA ILE A 51 7.68 -9.61 2.07
C ILE A 51 6.93 -10.20 3.27
N ASN A 52 7.32 -11.41 3.69
CA ASN A 52 6.67 -12.17 4.80
C ASN A 52 7.64 -12.31 6.00
N THR A 53 7.18 -12.89 7.11
CA THR A 53 7.99 -13.03 8.34
C THR A 53 9.28 -13.80 8.03
N ALA A 54 9.19 -14.90 7.31
CA ALA A 54 10.34 -15.75 6.93
C ALA A 54 11.36 -14.96 6.11
N SER A 55 10.98 -14.01 5.25
CA SER A 55 11.84 -13.40 4.21
C SER A 55 12.26 -11.95 4.55
N ALA A 56 11.67 -11.36 5.60
CA ALA A 56 11.92 -9.95 5.98
C ALA A 56 13.30 -9.79 6.62
N LEU A 57 13.73 -8.53 6.79
CA LEU A 57 14.97 -8.10 7.47
C LEU A 57 16.24 -8.76 6.85
N ALA A 58 16.29 -8.85 5.53
CA ALA A 58 17.45 -9.40 4.81
C ALA A 58 18.61 -8.41 4.93
N GLY A 59 18.30 -7.11 4.84
CA GLY A 59 19.24 -5.99 4.83
C GLY A 59 20.03 -5.85 6.10
N VAL A 60 19.52 -6.35 7.24
CA VAL A 60 20.23 -6.25 8.56
C VAL A 60 20.97 -7.56 8.88
N THR A 61 20.57 -8.70 8.31
CA THR A 61 21.18 -10.03 8.55
C THR A 61 22.33 -10.22 7.57
N PRO A 62 23.58 -10.52 8.00
CA PRO A 62 24.65 -10.78 7.04
C PRO A 62 24.32 -11.98 6.14
N ALA A 63 24.81 -11.92 4.91
CA ALA A 63 24.57 -12.86 3.79
C ALA A 63 24.74 -14.31 4.24
N ALA A 64 25.80 -14.55 4.98
CA ALA A 64 26.23 -15.89 5.41
C ALA A 64 25.18 -16.54 6.34
N GLU A 65 24.34 -15.76 7.03
CA GLU A 65 23.43 -16.27 8.11
C GLU A 65 21.98 -15.90 7.82
N ARG A 66 21.63 -15.64 6.56
CA ARG A 66 20.24 -15.42 6.11
C ARG A 66 19.54 -16.77 5.95
N ARG A 67 18.25 -16.83 6.26
CA ARG A 67 17.35 -17.96 5.90
C ARG A 67 17.22 -18.02 4.39
N PRO A 68 16.98 -19.20 3.75
CA PRO A 68 16.75 -19.27 2.30
C PRO A 68 15.64 -18.38 1.70
N GLU A 69 14.70 -17.91 2.51
CA GLU A 69 13.61 -16.97 2.11
C GLU A 69 14.14 -15.55 2.15
N GLN A 70 14.95 -15.20 3.14
CA GLN A 70 15.55 -13.83 3.25
C GLN A 70 16.52 -13.64 2.09
N SER A 71 17.23 -14.68 1.70
CA SER A 71 18.23 -14.56 0.61
C SER A 71 17.45 -14.40 -0.72
N ALA A 72 16.36 -15.16 -0.91
CA ALA A 72 15.43 -14.96 -2.05
C ALA A 72 14.93 -13.51 -2.11
N ALA A 73 14.51 -12.93 -1.00
CA ALA A 73 14.00 -11.55 -0.92
C ALA A 73 15.12 -10.58 -1.25
N TRP A 74 16.32 -10.83 -0.72
CA TRP A 74 17.49 -10.00 -1.00
C TRP A 74 17.76 -10.01 -2.51
N ALA A 75 17.72 -11.18 -3.17
CA ALA A 75 17.93 -11.31 -4.64
C ALA A 75 16.91 -10.41 -5.36
N VAL A 76 15.65 -10.38 -4.89
CA VAL A 76 14.58 -9.52 -5.48
C VAL A 76 14.98 -8.05 -5.27
N SER A 77 15.42 -7.65 -4.07
CA SER A 77 15.90 -6.26 -3.80
C SER A 77 17.07 -5.85 -4.73
N GLU A 78 18.06 -6.73 -4.91
CA GLU A 78 19.24 -6.51 -5.82
C GLU A 78 18.73 -6.24 -7.26
N LEU A 79 17.72 -6.98 -7.70
CA LEU A 79 17.15 -6.85 -9.08
C LEU A 79 16.38 -5.52 -9.18
N VAL A 80 15.47 -5.19 -8.26
CA VAL A 80 14.61 -3.98 -8.45
C VAL A 80 15.49 -2.74 -8.29
N VAL A 81 16.51 -2.73 -7.40
CA VAL A 81 17.38 -1.52 -7.22
C VAL A 81 18.26 -1.33 -8.45
N GLU A 82 18.83 -2.42 -8.97
CA GLU A 82 19.69 -2.44 -10.20
C GLU A 82 18.92 -1.76 -11.34
N GLU A 83 17.66 -2.16 -11.55
CA GLU A 83 16.80 -1.60 -12.62
C GLU A 83 16.72 -0.08 -12.50
N VAL A 84 16.54 0.43 -11.28
CA VAL A 84 16.46 1.90 -11.04
C VAL A 84 17.85 2.53 -11.20
N ARG A 85 18.92 1.85 -10.75
CA ARG A 85 20.29 2.42 -10.82
C ARG A 85 20.68 2.63 -12.29
N GLU A 86 20.39 1.65 -13.14
CA GLU A 86 20.65 1.68 -14.60
C GLU A 86 19.87 2.81 -15.27
N ALA A 87 18.74 3.24 -14.73
CA ALA A 87 17.86 4.22 -15.39
C ALA A 87 18.34 5.65 -15.13
N THR A 88 18.20 6.51 -16.13
CA THR A 88 18.19 7.98 -16.03
C THR A 88 16.76 8.50 -15.88
N THR A 89 15.78 7.84 -16.50
CA THR A 89 14.34 8.17 -16.35
C THR A 89 13.57 6.92 -15.93
N ILE A 90 12.66 7.10 -14.99
CA ILE A 90 11.71 6.06 -14.52
C ILE A 90 10.30 6.60 -14.78
N ILE A 91 9.47 5.84 -15.46
CA ILE A 91 8.04 6.17 -15.71
C ILE A 91 7.26 5.08 -15.00
N LEU A 92 6.51 5.47 -13.97
CA LEU A 92 5.64 4.57 -13.17
C LEU A 92 4.16 4.94 -13.36
N GLY A 93 3.35 3.97 -13.71
CA GLY A 93 1.87 4.10 -13.67
C GLY A 93 1.37 3.85 -12.25
N LEU A 94 0.62 4.81 -11.71
CA LEU A 94 0.15 4.75 -10.29
C LEU A 94 -1.35 4.96 -10.22
N PRO A 95 -2.12 3.87 -10.37
CA PRO A 95 -3.55 3.91 -10.03
C PRO A 95 -3.83 4.11 -8.54
N LEU A 96 -4.99 4.69 -8.22
CA LEU A 96 -5.53 4.76 -6.84
C LEU A 96 -6.56 3.66 -6.67
N TYR A 97 -6.23 2.59 -5.94
CA TYR A 97 -7.13 1.46 -5.66
C TYR A 97 -7.40 1.44 -4.16
N ASN A 98 -8.67 1.54 -3.79
CA ASN A 98 -9.13 1.56 -2.38
C ASN A 98 -8.34 2.64 -1.61
N TYR A 99 -8.26 3.83 -2.22
CA TYR A 99 -7.78 5.12 -1.68
C TYR A 99 -6.29 5.02 -1.32
N GLY A 100 -5.55 4.08 -1.90
CA GLY A 100 -4.12 3.91 -1.69
C GLY A 100 -3.47 3.47 -2.98
N PRO A 101 -2.14 3.21 -2.95
CA PRO A 101 -1.43 2.68 -4.10
C PRO A 101 -1.79 1.22 -4.27
N PRO A 102 -1.48 0.62 -5.43
CA PRO A 102 -1.61 -0.80 -5.60
C PRO A 102 -0.71 -1.50 -4.59
N SER A 103 -1.20 -2.59 -4.01
CA SER A 103 -0.41 -3.42 -3.07
C SER A 103 0.95 -3.73 -3.70
N SER A 104 0.99 -3.99 -5.00
CA SER A 104 2.19 -4.39 -5.79
C SER A 104 3.26 -3.32 -5.69
N VAL A 105 2.85 -2.05 -5.80
CA VAL A 105 3.74 -0.87 -5.70
C VAL A 105 4.22 -0.72 -4.26
N LYS A 106 3.36 -0.97 -3.27
CA LYS A 106 3.83 -0.86 -1.87
C LYS A 106 4.96 -1.90 -1.66
N ALA A 107 4.79 -3.15 -2.09
CA ALA A 107 5.81 -4.23 -1.96
C ALA A 107 7.05 -3.87 -2.79
N TRP A 108 6.86 -3.30 -3.99
CA TRP A 108 8.00 -2.88 -4.84
C TRP A 108 8.83 -1.86 -4.07
N VAL A 109 8.22 -0.87 -3.43
CA VAL A 109 8.97 0.09 -2.58
C VAL A 109 9.59 -0.66 -1.40
N ASP A 110 8.89 -1.62 -0.78
CA ASP A 110 9.46 -2.41 0.35
C ASP A 110 10.81 -3.01 -0.10
N TYR A 111 10.84 -3.66 -1.26
CA TYR A 111 12.08 -4.25 -1.81
C TYR A 111 13.12 -3.16 -2.10
N LEU A 112 12.68 -2.03 -2.65
CA LEU A 112 13.60 -0.93 -3.04
C LEU A 112 14.34 -0.34 -1.82
N ILE A 113 13.76 -0.37 -0.60
CA ILE A 113 14.39 0.24 0.61
C ILE A 113 15.29 -0.84 1.21
N ALA A 114 16.60 -0.74 0.88
CA ALA A 114 17.58 -1.83 1.06
C ALA A 114 18.94 -1.20 1.38
N PRO A 115 19.43 -1.32 2.64
CA PRO A 115 20.68 -0.65 3.01
C PRO A 115 21.88 -1.25 2.27
N GLY A 116 22.74 -0.39 1.73
CA GLY A 116 23.87 -0.75 0.84
C GLY A 116 23.48 -0.85 -0.63
N LEU A 117 22.20 -0.78 -1.01
CA LEU A 117 21.76 -0.81 -2.43
C LEU A 117 21.13 0.53 -2.79
N SER A 118 20.05 0.95 -2.12
CA SER A 118 19.34 2.22 -2.42
C SER A 118 19.79 3.36 -1.50
N LEU A 119 20.46 3.02 -0.39
CA LEU A 119 20.98 4.04 0.55
C LEU A 119 22.20 3.47 1.24
N ASP A 120 23.16 4.33 1.57
CA ASP A 120 24.45 3.87 2.12
C ASP A 120 24.19 3.25 3.48
N ALA A 121 24.62 2.01 3.69
CA ALA A 121 24.33 1.24 4.93
C ALA A 121 24.95 1.96 6.15
N HIS A 122 25.96 2.84 5.98
CA HIS A 122 26.61 3.56 7.11
C HIS A 122 26.21 5.03 7.16
N THR A 123 26.35 5.78 6.06
CA THR A 123 26.08 7.24 6.02
C THR A 123 24.58 7.48 5.82
N ARG A 124 23.85 6.47 5.32
CA ARG A 124 22.39 6.50 5.05
C ARG A 124 22.15 7.55 3.96
N ALA A 125 23.17 7.87 3.16
CA ALA A 125 23.10 8.86 2.06
C ALA A 125 22.33 8.21 0.89
N PRO A 126 21.40 8.94 0.25
CA PRO A 126 20.66 8.38 -0.88
C PRO A 126 21.61 7.92 -2.00
N LEU A 127 21.42 6.71 -2.54
CA LEU A 127 22.26 6.20 -3.67
C LEU A 127 21.52 6.22 -5.01
N LEU A 128 20.23 6.59 -5.09
CA LEU A 128 19.46 6.67 -6.37
C LEU A 128 18.97 8.10 -6.63
N GLY A 129 19.74 9.10 -6.27
CA GLY A 129 19.45 10.52 -6.60
C GLY A 129 19.82 10.87 -8.03
N ARG A 130 19.60 12.13 -8.42
CA ARG A 130 19.97 12.69 -9.75
C ARG A 130 19.31 11.86 -10.88
N ARG A 131 18.08 11.38 -10.67
CA ARG A 131 17.33 10.56 -11.67
C ARG A 131 15.95 11.19 -11.85
N GLU A 132 15.34 10.99 -13.00
CA GLU A 132 13.96 11.49 -13.28
C GLU A 132 12.99 10.39 -12.86
N LEU A 133 12.06 10.70 -11.95
CA LEU A 133 10.93 9.79 -11.66
C LEU A 133 9.63 10.50 -12.03
N LEU A 134 9.08 10.14 -13.19
CA LEU A 134 7.79 10.66 -13.70
C LEU A 134 6.70 9.65 -13.33
N VAL A 135 5.68 10.10 -12.60
CA VAL A 135 4.61 9.22 -12.09
C VAL A 135 3.29 9.65 -12.72
N LEU A 136 2.70 8.77 -13.52
CA LEU A 136 1.42 9.01 -14.22
C LEU A 136 0.34 8.41 -13.32
N ALA A 137 -0.22 9.25 -12.44
CA ALA A 137 -1.23 8.84 -11.44
C ALA A 137 -2.61 8.87 -12.12
N THR A 138 -3.41 7.83 -11.92
CA THR A 138 -4.83 7.81 -12.33
C THR A 138 -5.70 7.63 -11.08
N ARG A 139 -6.80 8.37 -10.99
CA ARG A 139 -7.76 8.14 -9.88
C ARG A 139 -9.22 8.27 -10.37
N GLY A 140 -10.11 7.47 -9.80
CA GLY A 140 -11.52 7.35 -10.21
C GLY A 140 -12.35 8.59 -9.94
N GLY A 141 -12.22 9.15 -8.76
CA GLY A 141 -12.91 10.41 -8.39
C GLY A 141 -12.05 11.63 -8.65
N GLY A 142 -12.49 12.77 -8.13
CA GLY A 142 -11.80 14.07 -8.07
C GLY A 142 -11.34 14.38 -6.64
N PHE A 143 -10.05 14.68 -6.47
CA PHE A 143 -9.36 14.82 -5.17
C PHE A 143 -8.70 16.18 -5.03
N GLY A 144 -9.00 17.13 -5.92
CA GLY A 144 -8.36 18.47 -5.93
C GLY A 144 -8.80 19.30 -4.72
N PRO A 145 -8.13 20.44 -4.44
CA PRO A 145 -8.55 21.35 -3.39
C PRO A 145 -9.98 21.87 -3.66
N GLY A 146 -10.88 21.71 -2.68
CA GLY A 146 -12.28 22.14 -2.78
C GLY A 146 -13.15 21.12 -3.48
N THR A 147 -12.70 19.85 -3.48
CA THR A 147 -13.56 18.67 -3.78
C THR A 147 -13.91 17.99 -2.47
N PRO A 148 -15.01 17.21 -2.43
CA PRO A 148 -15.34 16.41 -1.25
C PRO A 148 -14.36 15.27 -0.96
N ARG A 149 -13.62 14.76 -1.94
CA ARG A 149 -12.62 13.68 -1.66
C ARG A 149 -11.21 14.25 -1.40
N GLU A 150 -11.06 15.55 -1.13
CA GLU A 150 -9.76 16.19 -0.81
C GLU A 150 -9.20 15.52 0.45
N GLY A 151 -8.04 14.88 0.37
CA GLY A 151 -7.43 14.19 1.51
C GLY A 151 -7.72 12.71 1.53
N TRP A 152 -8.36 12.17 0.50
CA TRP A 152 -8.65 10.72 0.41
C TRP A 152 -7.61 9.98 -0.43
N ASP A 153 -6.73 10.68 -1.14
CA ASP A 153 -5.61 10.05 -1.88
C ASP A 153 -4.48 9.77 -0.89
N HIS A 154 -4.18 8.49 -0.64
CA HIS A 154 -3.09 8.01 0.23
C HIS A 154 -2.05 7.26 -0.60
N ALA A 155 -2.05 7.46 -1.93
CA ALA A 155 -1.00 6.98 -2.88
C ALA A 155 -0.06 8.13 -3.22
N GLN A 156 -0.58 9.28 -3.69
CA GLN A 156 0.20 10.39 -4.28
C GLN A 156 1.01 11.10 -3.21
N PRO A 157 0.46 11.49 -2.02
CA PRO A 157 1.30 12.02 -0.95
C PRO A 157 2.20 10.98 -0.25
N TRP A 158 1.92 9.68 -0.41
CA TRP A 158 2.73 8.61 0.23
C TRP A 158 4.05 8.40 -0.52
N LEU A 159 3.99 8.22 -1.83
CA LEU A 159 5.15 7.74 -2.62
C LEU A 159 6.43 8.58 -2.35
N PRO A 160 6.46 9.94 -2.36
CA PRO A 160 7.67 10.67 -2.03
C PRO A 160 8.15 10.34 -0.60
N HIS A 161 7.26 10.11 0.37
CA HIS A 161 7.70 9.74 1.75
C HIS A 161 8.26 8.31 1.74
N GLY A 162 7.64 7.37 1.02
CA GLY A 162 8.12 5.98 0.93
C GLY A 162 9.51 5.84 0.30
N LEU A 163 9.87 6.76 -0.60
CA LEU A 163 11.10 6.73 -1.45
C LEU A 163 12.15 7.72 -0.92
N ALA A 164 11.86 8.53 0.11
CA ALA A 164 12.62 9.76 0.44
C ALA A 164 14.01 9.39 0.90
N MET A 165 14.20 8.19 1.47
CA MET A 165 15.54 7.66 1.84
C MET A 165 16.43 7.45 0.59
N THR A 166 15.87 7.12 -0.59
CA THR A 166 16.63 6.65 -1.76
C THR A 166 17.11 7.83 -2.63
N GLY A 167 16.54 9.03 -2.48
CA GLY A 167 16.89 10.20 -3.32
C GLY A 167 16.02 10.28 -4.56
N LEU A 168 15.13 9.30 -4.81
CA LEU A 168 14.09 9.40 -5.87
C LEU A 168 13.06 10.43 -5.44
N GLU A 169 12.77 11.42 -6.29
CA GLU A 169 11.79 12.50 -6.02
C GLU A 169 10.73 12.45 -7.10
N PRO A 170 9.55 11.83 -6.88
CA PRO A 170 8.57 11.66 -7.93
C PRO A 170 7.98 13.01 -8.38
N GLU A 171 7.78 13.17 -9.69
N GLU A 171 7.79 13.18 -9.69
CA GLU A 171 7.05 14.29 -10.33
CA GLU A 171 7.04 14.31 -10.30
C GLU A 171 5.76 13.70 -10.91
C GLU A 171 5.76 13.70 -10.90
N PHE A 172 4.61 14.28 -10.57
CA PHE A 172 3.27 13.67 -10.83
C PHE A 172 2.60 14.36 -12.00
N ILE A 173 2.12 13.57 -12.96
CA ILE A 173 1.05 13.99 -13.90
C ILE A 173 -0.20 13.18 -13.54
N THR A 174 -1.26 13.88 -13.08
CA THR A 174 -2.49 13.26 -12.55
C THR A 174 -3.65 13.38 -13.56
N THR A 175 -4.22 12.24 -13.90
CA THR A 175 -5.52 12.13 -14.60
C THR A 175 -6.57 11.69 -13.57
N GLU A 176 -7.66 12.44 -13.43
CA GLU A 176 -8.71 12.06 -12.44
C GLU A 176 -10.09 11.89 -13.08
N LEU A 177 -11.06 11.53 -12.23
CA LEU A 177 -12.51 11.34 -12.56
C LEU A 177 -12.68 10.22 -13.60
N THR A 178 -11.80 9.22 -13.60
CA THR A 178 -11.72 8.16 -14.63
C THR A 178 -12.85 7.14 -14.42
N LEU A 179 -13.58 7.19 -13.28
CA LEU A 179 -14.76 6.33 -13.01
C LEU A 179 -16.01 6.97 -13.61
N ALA A 180 -16.02 8.30 -13.81
CA ALA A 180 -17.16 9.08 -14.33
C ALA A 180 -17.86 8.38 -15.51
N PRO A 181 -17.18 7.95 -16.60
CA PRO A 181 -17.86 7.33 -17.74
C PRO A 181 -18.48 5.93 -17.53
N VAL A 182 -18.15 5.24 -16.44
CA VAL A 182 -18.71 3.89 -16.12
C VAL A 182 -19.61 3.94 -14.87
N THR A 183 -19.98 5.12 -14.35
CA THR A 183 -20.57 5.27 -12.99
C THR A 183 -21.88 6.05 -13.10
N PRO A 184 -23.05 5.43 -12.78
CA PRO A 184 -24.32 6.16 -12.81
C PRO A 184 -24.34 7.31 -11.79
N GLY A 185 -24.88 8.47 -12.20
CA GLY A 185 -24.87 9.72 -11.43
C GLY A 185 -23.56 10.51 -11.53
N MET A 186 -22.59 10.10 -12.37
CA MET A 186 -21.39 10.93 -12.68
C MET A 186 -21.37 11.41 -14.15
N GLU A 187 -22.54 11.54 -14.80
CA GLU A 187 -22.65 11.84 -16.25
C GLU A 187 -22.28 13.31 -16.51
N HIS A 188 -22.60 14.19 -15.56
CA HIS A 188 -22.20 15.63 -15.61
C HIS A 188 -20.68 15.77 -15.53
N LEU A 189 -19.92 14.75 -15.07
CA LEU A 189 -18.44 14.83 -14.87
C LEU A 189 -17.68 14.15 -16.01
N VAL A 190 -18.34 13.62 -17.05
CA VAL A 190 -17.64 12.89 -18.16
C VAL A 190 -16.83 13.91 -18.96
N PRO A 191 -17.35 15.11 -19.27
CA PRO A 191 -16.53 16.12 -19.95
C PRO A 191 -15.23 16.43 -19.17
N LEU A 192 -15.32 16.60 -17.85
CA LEU A 192 -14.14 16.87 -16.98
C LEU A 192 -13.14 15.69 -17.03
N ALA A 193 -13.63 14.45 -17.01
CA ALA A 193 -12.80 13.24 -17.13
C ALA A 193 -12.01 13.33 -18.45
N LYS A 194 -12.68 13.65 -19.56
CA LYS A 194 -12.04 13.71 -20.91
C LYS A 194 -10.99 14.83 -20.90
N GLU A 195 -11.35 15.99 -20.36
CA GLU A 195 -10.43 17.14 -20.25
C GLU A 195 -9.22 16.78 -19.35
N SER A 196 -9.41 16.08 -18.23
CA SER A 196 -8.32 15.70 -17.31
C SER A 196 -7.33 14.82 -18.08
N ARG A 197 -7.85 13.83 -18.82
CA ARG A 197 -7.01 12.93 -19.63
C ARG A 197 -6.23 13.71 -20.70
N ALA A 198 -6.89 14.58 -21.47
CA ALA A 198 -6.29 15.38 -22.55
C ALA A 198 -5.20 16.29 -21.98
N ALA A 199 -5.38 16.85 -20.78
CA ALA A 199 -4.38 17.76 -20.17
C ALA A 199 -3.15 16.94 -19.83
N ALA A 200 -3.34 15.73 -19.26
CA ALA A 200 -2.23 14.80 -18.93
C ALA A 200 -1.48 14.43 -20.20
N GLU A 201 -2.23 14.14 -21.28
CA GLU A 201 -1.66 13.79 -22.61
C GLU A 201 -0.85 14.96 -23.16
N ARG A 202 -1.30 16.19 -22.97
CA ARG A 202 -0.55 17.40 -23.38
C ARG A 202 0.78 17.46 -22.62
N ALA A 203 0.73 17.33 -21.29
CA ALA A 203 1.91 17.39 -20.39
C ALA A 203 2.90 16.30 -20.81
N ILE A 204 2.43 15.09 -21.11
CA ILE A 204 3.26 13.96 -21.62
C ILE A 204 3.82 14.30 -23.01
N ASP A 205 3.04 14.92 -23.89
CA ASP A 205 3.52 15.25 -25.25
C ASP A 205 4.59 16.35 -25.20
N GLN A 206 4.52 17.33 -24.29
CA GLN A 206 5.49 18.44 -24.18
C GLN A 206 6.71 18.07 -23.32
N ARG A 207 6.66 16.96 -22.58
CA ARG A 207 7.80 16.50 -21.77
C ARG A 207 9.00 16.11 -22.68
N TRP A 208 10.19 16.52 -22.24
CA TRP A 208 11.52 16.32 -22.90
C TRP A 208 11.71 17.18 -24.15
N VAL A 209 10.85 18.17 -24.47
CA VAL A 209 10.95 18.97 -25.73
C VAL A 209 11.06 20.43 -25.34
N THR A 210 11.67 21.24 -26.21
CA THR A 210 11.72 22.72 -26.17
C THR A 210 10.80 23.28 -27.26
N HIS B 3 -17.86 -12.99 18.79
CA HIS B 3 -16.77 -13.67 18.03
C HIS B 3 -15.65 -12.66 17.74
N LEU B 4 -14.40 -13.11 17.67
CA LEU B 4 -13.27 -12.18 17.45
C LEU B 4 -12.46 -12.70 16.28
N LEU B 5 -12.15 -11.79 15.36
CA LEU B 5 -11.11 -11.97 14.31
C LEU B 5 -9.83 -11.31 14.79
N HIS B 6 -8.77 -12.09 15.03
CA HIS B 6 -7.44 -11.57 15.49
C HIS B 6 -6.50 -11.54 14.30
N ILE B 7 -6.17 -10.34 13.81
CA ILE B 7 -5.34 -10.20 12.57
C ILE B 7 -3.96 -9.67 12.93
N ASP B 8 -2.94 -10.44 12.63
CA ASP B 8 -1.53 -9.98 12.71
C ASP B 8 -1.03 -9.71 11.29
N SER B 9 -0.29 -8.62 11.11
CA SER B 9 0.43 -8.32 9.85
C SER B 9 1.92 -8.01 10.08
N SER B 10 2.48 -8.18 11.28
CA SER B 10 3.93 -7.92 11.56
C SER B 10 4.77 -8.89 10.73
N ILE B 11 5.89 -8.42 10.18
CA ILE B 11 6.97 -9.30 9.62
C ILE B 11 8.20 -9.32 10.55
N SER B 12 8.14 -8.64 11.70
CA SER B 12 9.28 -8.46 12.65
C SER B 12 9.49 -9.68 13.57
N GLY B 13 8.63 -10.72 13.52
CA GLY B 13 8.83 -12.00 14.23
C GLY B 13 8.89 -11.79 15.74
N PRO B 14 9.87 -12.41 16.47
CA PRO B 14 10.02 -12.16 17.91
C PRO B 14 10.29 -10.70 18.33
N ALA B 15 10.78 -9.84 17.42
CA ALA B 15 10.95 -8.39 17.64
C ALA B 15 9.61 -7.63 17.59
N SER B 16 8.49 -8.24 17.19
CA SER B 16 7.23 -7.49 16.91
C SER B 16 6.73 -6.76 18.18
N VAL B 17 6.40 -5.47 18.04
CA VAL B 17 5.70 -4.66 19.10
C VAL B 17 4.16 -4.87 18.93
N SER B 18 3.67 -5.05 17.70
CA SER B 18 2.21 -5.13 17.44
C SER B 18 1.68 -6.50 17.85
N ARG B 19 2.43 -7.60 17.65
CA ARG B 19 1.87 -8.98 17.87
C ARG B 19 1.49 -9.18 19.33
N PRO B 20 2.38 -8.88 20.32
CA PRO B 20 2.01 -8.90 21.72
C PRO B 20 0.80 -8.01 22.05
N LEU B 21 0.70 -6.82 21.44
CA LEU B 21 -0.40 -5.88 21.76
C LEU B 21 -1.72 -6.47 21.26
N THR B 22 -1.71 -7.20 20.15
CA THR B 22 -2.93 -7.82 19.57
C THR B 22 -3.32 -9.07 20.38
N ALA B 23 -2.36 -9.91 20.78
CA ALA B 23 -2.60 -11.09 21.63
C ALA B 23 -3.09 -10.63 23.02
N ARG B 24 -2.66 -9.45 23.47
CA ARG B 24 -3.18 -8.83 24.71
C ARG B 24 -4.69 -8.60 24.57
N ALA B 25 -5.07 -7.90 23.50
CA ALA B 25 -6.49 -7.58 23.18
C ALA B 25 -7.29 -8.87 23.10
N ALA B 26 -6.78 -9.87 22.36
CA ALA B 26 -7.43 -11.19 22.19
C ALA B 26 -7.73 -11.80 23.55
N ALA B 27 -6.78 -11.74 24.51
CA ALA B 27 -6.95 -12.25 25.88
C ALA B 27 -8.00 -11.41 26.62
N ASN B 28 -7.86 -10.08 26.65
CA ASN B 28 -8.83 -9.19 27.35
C ASN B 28 -10.24 -9.36 26.78
N TRP B 29 -10.35 -9.63 25.49
CA TRP B 29 -11.65 -9.92 24.84
C TRP B 29 -12.12 -11.31 25.31
N LYS B 30 -11.26 -12.33 25.27
CA LYS B 30 -11.66 -13.71 25.66
C LYS B 30 -12.04 -13.74 27.14
N ALA B 31 -11.56 -12.79 27.95
CA ALA B 31 -12.03 -12.50 29.32
C ALA B 31 -13.46 -11.94 29.24
N ALA B 32 -13.64 -10.75 28.66
CA ALA B 32 -14.92 -9.99 28.68
C ALA B 32 -16.02 -10.68 27.85
N HIS B 33 -15.68 -11.72 27.08
CA HIS B 33 -16.62 -12.47 26.21
C HIS B 33 -16.27 -13.96 26.29
N PRO B 34 -16.45 -14.64 27.44
CA PRO B 34 -16.07 -16.05 27.56
C PRO B 34 -17.09 -16.93 26.81
N ASP B 35 -16.67 -18.14 26.42
CA ASP B 35 -17.44 -19.06 25.54
C ASP B 35 -17.43 -18.60 24.07
N GLY B 36 -16.87 -17.42 23.75
CA GLY B 36 -16.68 -16.92 22.36
C GLY B 36 -15.59 -17.67 21.61
N THR B 37 -15.72 -17.79 20.29
CA THR B 37 -14.70 -18.41 19.41
C THR B 37 -13.79 -17.30 18.87
N VAL B 38 -12.66 -17.72 18.32
CA VAL B 38 -11.61 -16.82 17.76
C VAL B 38 -11.12 -17.44 16.47
N THR B 39 -11.10 -16.65 15.39
CA THR B 39 -10.39 -16.98 14.14
C THR B 39 -9.12 -16.14 14.13
N TYR B 40 -7.99 -16.80 13.88
CA TYR B 40 -6.66 -16.14 13.83
C TYR B 40 -6.22 -16.00 12.38
N ARG B 41 -5.70 -14.83 12.01
CA ARG B 41 -5.13 -14.55 10.67
C ARG B 41 -3.73 -13.94 10.82
N ASP B 42 -2.69 -14.57 10.26
CA ASP B 42 -1.31 -14.00 10.26
C ASP B 42 -0.95 -13.64 8.82
N LEU B 43 -1.23 -12.40 8.43
CA LEU B 43 -0.90 -11.86 7.08
C LEU B 43 0.63 -11.68 6.94
N GLY B 44 1.33 -11.48 8.07
CA GLY B 44 2.80 -11.39 8.16
C GLY B 44 3.44 -12.67 7.67
N ALA B 45 3.07 -13.82 8.22
CA ALA B 45 3.68 -15.11 7.90
C ALA B 45 3.13 -15.61 6.57
N SER B 46 1.81 -15.45 6.38
CA SER B 46 1.06 -16.13 5.29
C SER B 46 0.19 -15.10 4.57
N PRO B 47 0.82 -14.11 3.87
CA PRO B 47 0.08 -13.03 3.24
C PRO B 47 -0.78 -13.57 2.11
N LEU B 48 -1.92 -12.92 1.88
CA LEU B 48 -2.77 -13.20 0.71
C LEU B 48 -2.06 -12.56 -0.47
N PRO B 49 -1.96 -13.27 -1.62
CA PRO B 49 -1.17 -12.79 -2.75
C PRO B 49 -1.82 -11.53 -3.33
N HIS B 50 -0.99 -10.71 -3.95
CA HIS B 50 -1.46 -9.51 -4.66
C HIS B 50 -2.56 -9.92 -5.66
N ILE B 51 -3.62 -9.12 -5.74
CA ILE B 51 -4.54 -9.23 -6.90
C ILE B 51 -3.74 -8.77 -8.10
N ASN B 52 -3.78 -9.56 -9.18
CA ASN B 52 -3.07 -9.29 -10.47
C ASN B 52 -4.05 -9.01 -11.62
N THR B 53 -3.57 -8.70 -12.80
CA THR B 53 -4.43 -8.35 -13.96
C THR B 53 -5.41 -9.52 -14.25
N ALA B 54 -4.90 -10.74 -14.25
CA ALA B 54 -5.67 -11.97 -14.55
C ALA B 54 -6.81 -12.13 -13.51
N SER B 55 -6.61 -11.77 -12.23
CA SER B 55 -7.54 -12.12 -11.11
C SER B 55 -8.43 -10.94 -10.66
N ALA B 56 -8.18 -9.74 -11.15
CA ALA B 56 -8.86 -8.50 -10.76
C ALA B 56 -10.26 -8.43 -11.34
N LEU B 57 -11.03 -7.47 -10.80
CA LEU B 57 -12.37 -7.04 -11.29
C LEU B 57 -13.40 -8.19 -11.22
N ALA B 58 -13.30 -9.10 -10.26
CA ALA B 58 -14.14 -10.31 -10.14
C ALA B 58 -15.59 -9.86 -9.82
N GLY B 59 -15.73 -8.88 -8.96
CA GLY B 59 -17.01 -8.33 -8.46
C GLY B 59 -17.78 -7.62 -9.53
N VAL B 60 -17.13 -6.89 -10.43
CA VAL B 60 -17.80 -6.15 -11.56
C VAL B 60 -17.87 -7.00 -12.84
N THR B 61 -17.53 -8.30 -12.79
CA THR B 61 -17.61 -9.23 -13.95
C THR B 61 -18.61 -10.32 -13.59
N PRO B 62 -19.63 -10.61 -14.43
CA PRO B 62 -20.60 -11.66 -14.12
C PRO B 62 -19.96 -13.04 -13.87
N ALA B 63 -20.50 -13.76 -12.89
CA ALA B 63 -20.00 -15.04 -12.32
C ALA B 63 -19.71 -16.06 -13.42
N ALA B 64 -20.48 -16.04 -14.49
CA ALA B 64 -20.37 -16.97 -15.64
C ALA B 64 -19.17 -16.61 -16.52
N GLU B 65 -18.91 -15.33 -16.79
CA GLU B 65 -17.91 -14.88 -17.80
C GLU B 65 -16.59 -14.43 -17.12
N ARG B 66 -16.34 -14.90 -15.90
CA ARG B 66 -15.10 -14.65 -15.14
C ARG B 66 -13.98 -15.55 -15.68
N ARG B 67 -12.77 -15.01 -15.78
CA ARG B 67 -11.53 -15.80 -16.05
C ARG B 67 -11.29 -16.74 -14.88
N PRO B 68 -10.64 -17.91 -15.09
CA PRO B 68 -10.33 -18.82 -13.98
C PRO B 68 -9.70 -18.14 -12.76
N GLU B 69 -8.83 -17.14 -12.94
CA GLU B 69 -8.08 -16.51 -11.83
C GLU B 69 -8.98 -15.52 -11.09
N GLN B 70 -9.90 -14.87 -11.78
CA GLN B 70 -10.94 -14.02 -11.14
C GLN B 70 -11.81 -14.87 -10.21
N SER B 71 -12.10 -16.12 -10.58
CA SER B 71 -12.89 -17.03 -9.70
C SER B 71 -12.07 -17.33 -8.44
N ALA B 72 -10.76 -17.60 -8.59
CA ALA B 72 -9.84 -17.83 -7.44
C ALA B 72 -9.85 -16.61 -6.53
N ALA B 73 -9.77 -15.40 -7.08
CA ALA B 73 -9.71 -14.16 -6.26
C ALA B 73 -11.05 -13.97 -5.57
N TRP B 74 -12.15 -14.23 -6.26
CA TRP B 74 -13.50 -14.15 -5.68
C TRP B 74 -13.60 -15.13 -4.50
N ALA B 75 -13.10 -16.37 -4.63
CA ALA B 75 -13.14 -17.38 -3.53
C ALA B 75 -12.40 -16.81 -2.32
N VAL B 76 -11.27 -16.12 -2.55
CA VAL B 76 -10.47 -15.51 -1.47
C VAL B 76 -11.30 -14.39 -0.84
N SER B 77 -11.93 -13.51 -1.64
CA SER B 77 -12.83 -12.42 -1.15
C SER B 77 -13.97 -12.99 -0.31
N GLU B 78 -14.64 -14.06 -0.74
CA GLU B 78 -15.77 -14.72 -0.04
C GLU B 78 -15.31 -15.15 1.36
N LEU B 79 -14.11 -15.71 1.43
CA LEU B 79 -13.58 -16.30 2.68
C LEU B 79 -13.13 -15.18 3.64
N VAL B 80 -12.58 -14.09 3.11
CA VAL B 80 -12.06 -12.90 3.86
C VAL B 80 -13.25 -12.14 4.45
N VAL B 81 -14.27 -11.84 3.65
CA VAL B 81 -15.49 -11.08 4.08
C VAL B 81 -16.27 -11.88 5.12
N GLU B 82 -16.42 -13.19 4.89
CA GLU B 82 -17.03 -14.17 5.85
C GLU B 82 -16.38 -13.99 7.21
N GLU B 83 -15.05 -13.99 7.28
CA GLU B 83 -14.33 -13.90 8.57
C GLU B 83 -14.75 -12.62 9.31
N VAL B 84 -14.87 -11.51 8.59
CA VAL B 84 -15.31 -10.22 9.21
C VAL B 84 -16.81 -10.28 9.55
N ARG B 85 -17.65 -10.92 8.72
CA ARG B 85 -19.12 -11.00 8.95
C ARG B 85 -19.37 -11.78 10.26
N GLU B 86 -18.72 -12.94 10.41
CA GLU B 86 -18.81 -13.81 11.60
C GLU B 86 -18.35 -13.06 12.86
N ALA B 87 -17.49 -12.04 12.74
CA ALA B 87 -16.94 -11.36 13.92
C ALA B 87 -17.90 -10.28 14.45
N THR B 88 -17.92 -10.09 15.78
CA THR B 88 -18.46 -8.89 16.47
C THR B 88 -17.35 -7.87 16.75
N THR B 89 -16.15 -8.35 17.11
CA THR B 89 -14.96 -7.50 17.34
C THR B 89 -13.83 -7.94 16.39
N ILE B 90 -13.15 -6.94 15.83
CA ILE B 90 -11.96 -7.14 14.96
C ILE B 90 -10.80 -6.45 15.65
N ILE B 91 -9.73 -7.21 15.89
CA ILE B 91 -8.45 -6.68 16.40
C ILE B 91 -7.44 -6.80 15.25
N LEU B 92 -6.93 -5.67 14.78
CA LEU B 92 -5.92 -5.62 13.68
C LEU B 92 -4.62 -4.94 14.16
N GLY B 93 -3.47 -5.62 14.00
CA GLY B 93 -2.14 -5.01 14.15
C GLY B 93 -1.75 -4.25 12.89
N LEU B 94 -1.51 -2.94 12.97
CA LEU B 94 -1.11 -2.08 11.83
C LEU B 94 0.24 -1.40 12.10
N PRO B 95 1.36 -2.11 11.81
CA PRO B 95 2.66 -1.48 11.72
C PRO B 95 2.76 -0.46 10.56
N LEU B 96 3.62 0.53 10.72
CA LEU B 96 4.00 1.50 9.66
C LEU B 96 5.33 1.03 9.06
N TYR B 97 5.29 0.48 7.86
CA TYR B 97 6.49 0.05 7.09
C TYR B 97 6.63 0.95 5.88
N ASN B 98 7.75 1.67 5.78
CA ASN B 98 8.04 2.61 4.66
C ASN B 98 6.90 3.61 4.51
N TYR B 99 6.43 4.16 5.64
CA TYR B 99 5.50 5.31 5.73
C TYR B 99 4.13 4.93 5.17
N GLY B 100 3.83 3.63 5.08
CA GLY B 100 2.49 3.15 4.74
C GLY B 100 2.18 1.90 5.50
N PRO B 101 1.02 1.27 5.22
CA PRO B 101 0.67 0.00 5.85
C PRO B 101 1.51 -1.11 5.24
N PRO B 102 1.53 -2.31 5.85
CA PRO B 102 2.11 -3.48 5.20
C PRO B 102 1.34 -3.74 3.91
N SER B 103 2.06 -4.06 2.86
CA SER B 103 1.49 -4.46 1.56
C SER B 103 0.47 -5.58 1.79
N SER B 104 0.72 -6.46 2.75
CA SER B 104 -0.19 -7.59 3.13
C SER B 104 -1.60 -7.09 3.52
N VAL B 105 -1.62 -6.00 4.28
CA VAL B 105 -2.85 -5.34 4.75
C VAL B 105 -3.50 -4.62 3.56
N LYS B 106 -2.72 -3.98 2.69
CA LYS B 106 -3.35 -3.27 1.54
C LYS B 106 -4.08 -4.30 0.70
N ALA B 107 -3.45 -5.44 0.37
CA ALA B 107 -4.05 -6.57 -0.39
C ALA B 107 -5.25 -7.14 0.36
N TRP B 108 -5.14 -7.33 1.68
CA TRP B 108 -6.27 -7.81 2.50
C TRP B 108 -7.49 -6.90 2.32
N VAL B 109 -7.30 -5.58 2.42
CA VAL B 109 -8.40 -4.61 2.18
C VAL B 109 -8.86 -4.73 0.71
N ASP B 110 -7.96 -4.94 -0.27
CA ASP B 110 -8.37 -5.07 -1.69
C ASP B 110 -9.35 -6.23 -1.80
N TYR B 111 -9.07 -7.40 -1.21
CA TYR B 111 -9.98 -8.58 -1.22
C TYR B 111 -11.30 -8.22 -0.51
N LEU B 112 -11.21 -7.51 0.61
CA LEU B 112 -12.39 -7.14 1.44
C LEU B 112 -13.38 -6.25 0.66
N ILE B 113 -12.95 -5.41 -0.29
CA ILE B 113 -13.84 -4.47 -1.02
C ILE B 113 -14.37 -5.24 -2.24
N ALA B 114 -15.56 -5.82 -2.09
CA ALA B 114 -16.12 -6.83 -2.99
C ALA B 114 -17.62 -6.57 -3.12
N PRO B 115 -18.13 -5.98 -4.24
CA PRO B 115 -19.56 -5.79 -4.42
C PRO B 115 -20.35 -7.10 -4.37
N GLY B 116 -21.44 -7.12 -3.59
CA GLY B 116 -22.25 -8.32 -3.29
C GLY B 116 -21.78 -9.05 -2.04
N LEU B 117 -20.58 -8.78 -1.49
CA LEU B 117 -20.11 -9.42 -0.22
C LEU B 117 -19.99 -8.39 0.91
N SER B 118 -19.15 -7.37 0.77
CA SER B 118 -18.93 -6.35 1.83
C SER B 118 -19.78 -5.10 1.58
N LEU B 119 -20.36 -4.95 0.39
CA LEU B 119 -21.30 -3.85 0.07
C LEU B 119 -22.29 -4.34 -1.00
N ASP B 120 -23.51 -3.84 -0.98
CA ASP B 120 -24.56 -4.29 -1.92
C ASP B 120 -24.11 -3.95 -3.34
N ALA B 121 -24.14 -4.91 -4.26
CA ALA B 121 -23.62 -4.73 -5.63
C ALA B 121 -24.40 -3.63 -6.37
N HIS B 122 -25.62 -3.31 -5.96
CA HIS B 122 -26.55 -2.40 -6.69
C HIS B 122 -26.77 -1.10 -5.94
N THR B 123 -27.09 -1.15 -4.64
CA THR B 123 -27.32 0.06 -3.81
C THR B 123 -25.97 0.55 -3.29
N ARG B 124 -24.97 -0.34 -3.22
CA ARG B 124 -23.61 -0.06 -2.69
C ARG B 124 -23.72 0.30 -1.21
N ALA B 125 -24.76 -0.18 -0.54
CA ALA B 125 -24.97 -0.01 0.92
C ALA B 125 -23.98 -0.88 1.69
N PRO B 126 -23.31 -0.36 2.73
CA PRO B 126 -22.32 -1.14 3.47
C PRO B 126 -22.94 -2.38 4.12
N LEU B 127 -22.31 -3.55 4.02
CA LEU B 127 -22.84 -4.82 4.58
C LEU B 127 -22.02 -5.30 5.80
N LEU B 128 -20.93 -4.63 6.22
CA LEU B 128 -20.13 -5.00 7.42
C LEU B 128 -20.16 -3.90 8.49
N GLY B 129 -21.28 -3.18 8.62
CA GLY B 129 -21.43 -2.13 9.64
C GLY B 129 -21.73 -2.70 11.02
N ARG B 130 -21.88 -1.85 12.03
CA ARG B 130 -22.35 -2.24 13.39
C ARG B 130 -21.41 -3.30 13.99
N ARG B 131 -20.10 -3.17 13.77
CA ARG B 131 -19.06 -4.10 14.30
C ARG B 131 -17.99 -3.27 14.97
N GLU B 132 -17.23 -3.88 15.87
CA GLU B 132 -16.12 -3.16 16.57
C GLU B 132 -14.84 -3.40 15.77
N LEU B 133 -14.16 -2.35 15.32
CA LEU B 133 -12.83 -2.50 14.65
C LEU B 133 -11.78 -1.72 15.44
N LEU B 134 -11.00 -2.43 16.26
CA LEU B 134 -9.93 -1.84 17.09
C LEU B 134 -8.58 -2.09 16.40
N VAL B 135 -7.85 -1.00 16.13
CA VAL B 135 -6.59 -1.07 15.33
C VAL B 135 -5.44 -0.62 16.24
N LEU B 136 -4.54 -1.56 16.55
CA LEU B 136 -3.31 -1.32 17.36
C LEU B 136 -2.23 -0.93 16.35
N ALA B 137 -2.06 0.37 16.13
CA ALA B 137 -1.06 0.96 15.21
C ALA B 137 0.30 1.00 15.93
N THR B 138 1.37 0.59 15.25
CA THR B 138 2.77 0.68 15.77
C THR B 138 3.62 1.49 14.78
N ARG B 139 4.13 2.65 15.19
CA ARG B 139 5.07 3.49 14.39
C ARG B 139 6.47 3.37 15.01
N GLY B 140 7.54 3.32 14.20
CA GLY B 140 8.92 3.39 14.74
C GLY B 140 9.30 4.76 15.28
N GLY B 141 8.85 5.84 14.63
CA GLY B 141 9.15 7.24 14.96
C GLY B 141 7.95 7.95 15.55
N GLY B 142 8.02 9.28 15.61
CA GLY B 142 7.04 10.17 16.27
C GLY B 142 6.42 11.11 15.26
N PHE B 143 5.09 11.07 15.13
CA PHE B 143 4.32 11.69 14.01
C PHE B 143 3.35 12.73 14.54
N GLY B 144 3.54 13.19 15.80
CA GLY B 144 2.61 14.09 16.50
C GLY B 144 2.67 15.53 15.99
N PRO B 145 1.81 16.43 16.52
CA PRO B 145 1.73 17.81 16.03
C PRO B 145 3.02 18.59 16.29
N GLY B 146 3.62 19.12 15.21
CA GLY B 146 4.88 19.88 15.24
C GLY B 146 6.08 19.01 14.90
N THR B 147 6.02 17.68 15.12
CA THR B 147 7.18 16.76 14.94
C THR B 147 7.64 16.85 13.50
N PRO B 148 8.91 16.57 13.16
CA PRO B 148 9.38 16.70 11.78
C PRO B 148 8.70 15.75 10.77
N ARG B 149 8.20 14.59 11.23
CA ARG B 149 7.48 13.60 10.40
C ARG B 149 5.95 13.78 10.51
N GLU B 150 5.43 14.99 10.82
CA GLU B 150 3.95 15.20 10.88
C GLU B 150 3.39 15.03 9.46
N GLY B 151 2.48 14.08 9.24
CA GLY B 151 1.84 13.86 7.92
C GLY B 151 2.57 12.84 7.05
N TRP B 152 3.50 12.10 7.62
CA TRP B 152 4.26 11.02 6.96
C TRP B 152 3.62 9.66 7.23
N ASP B 153 2.63 9.54 8.13
CA ASP B 153 1.87 8.28 8.32
C ASP B 153 0.81 8.24 7.20
N HIS B 154 0.91 7.25 6.30
CA HIS B 154 -0.05 6.99 5.21
C HIS B 154 -0.66 5.60 5.44
N ALA B 155 -0.57 5.06 6.68
CA ALA B 155 -1.27 3.83 7.11
C ALA B 155 -2.55 4.17 7.89
N GLN B 156 -2.43 5.00 8.93
CA GLN B 156 -3.54 5.27 9.87
C GLN B 156 -4.58 6.16 9.22
N PRO B 157 -4.25 7.33 8.62
CA PRO B 157 -5.27 8.14 7.94
C PRO B 157 -5.86 7.49 6.67
N TRP B 158 -5.26 6.40 6.17
CA TRP B 158 -5.69 5.71 4.95
C TRP B 158 -6.78 4.70 5.31
N LEU B 159 -6.53 3.82 6.29
CA LEU B 159 -7.43 2.66 6.57
C LEU B 159 -8.91 3.05 6.64
N PRO B 160 -9.36 4.12 7.35
CA PRO B 160 -10.79 4.48 7.35
C PRO B 160 -11.30 4.79 5.93
N HIS B 161 -10.48 5.45 5.10
CA HIS B 161 -10.85 5.78 3.70
C HIS B 161 -10.94 4.49 2.87
N GLY B 162 -9.99 3.57 3.04
CA GLY B 162 -9.99 2.30 2.31
C GLY B 162 -11.14 1.38 2.65
N LEU B 163 -11.69 1.46 3.87
CA LEU B 163 -12.72 0.54 4.41
C LEU B 163 -14.12 1.19 4.32
N ALA B 164 -14.22 2.48 3.99
CA ALA B 164 -15.45 3.29 4.13
C ALA B 164 -16.62 2.67 3.36
N MET B 165 -16.36 2.00 2.23
CA MET B 165 -17.41 1.31 1.42
C MET B 165 -18.03 0.13 2.20
N THR B 166 -17.31 -0.51 3.11
CA THR B 166 -17.82 -1.69 3.88
C THR B 166 -18.64 -1.29 5.11
N GLY B 167 -18.52 -0.04 5.58
CA GLY B 167 -19.14 0.47 6.81
C GLY B 167 -18.35 0.17 8.05
N LEU B 168 -17.16 -0.45 7.95
CA LEU B 168 -16.22 -0.54 9.11
C LEU B 168 -15.59 0.84 9.35
N GLU B 169 -15.63 1.29 10.60
CA GLU B 169 -14.93 2.53 11.08
C GLU B 169 -13.85 2.12 12.08
N PRO B 170 -12.55 2.12 11.70
CA PRO B 170 -11.49 1.73 12.61
C PRO B 170 -11.34 2.74 13.77
N GLU B 171 -11.16 2.21 14.97
CA GLU B 171 -10.76 2.99 16.18
C GLU B 171 -9.28 2.68 16.48
N PHE B 172 -8.45 3.71 16.60
CA PHE B 172 -6.97 3.53 16.69
C PHE B 172 -6.50 3.67 18.14
N ILE B 173 -5.72 2.69 18.59
CA ILE B 173 -4.75 2.81 19.72
C ILE B 173 -3.34 2.81 19.11
N THR B 174 -2.67 3.96 19.14
CA THR B 174 -1.35 4.21 18.49
C THR B 174 -0.22 4.09 19.52
N THR B 175 0.66 3.10 19.36
CA THR B 175 1.99 2.98 20.03
C THR B 175 3.06 3.57 19.11
N GLU B 176 3.68 4.70 19.43
CA GLU B 176 4.72 5.31 18.57
C GLU B 176 6.13 5.23 19.19
N LEU B 177 7.15 5.67 18.42
CA LEU B 177 8.56 5.81 18.82
C LEU B 177 9.13 4.46 19.30
N THR B 178 8.71 3.34 18.71
CA THR B 178 9.10 1.97 19.16
C THR B 178 10.57 1.67 18.74
N LEU B 179 11.16 2.50 17.88
CA LEU B 179 12.57 2.36 17.44
C LEU B 179 13.50 3.07 18.43
N ALA B 180 13.03 4.09 19.17
CA ALA B 180 13.82 4.91 20.13
C ALA B 180 14.80 4.04 20.95
N PRO B 181 14.36 2.96 21.66
CA PRO B 181 15.27 2.23 22.57
C PRO B 181 16.31 1.31 21.93
N VAL B 182 16.20 1.04 20.62
CA VAL B 182 17.16 0.18 19.86
C VAL B 182 17.89 1.02 18.81
N THR B 183 17.78 2.36 18.82
CA THR B 183 18.26 3.23 17.72
C THR B 183 19.04 4.40 18.29
N PRO B 184 20.38 4.45 18.06
CA PRO B 184 21.18 5.61 18.47
C PRO B 184 20.74 6.90 17.78
N GLY B 185 20.78 8.03 18.50
CA GLY B 185 20.28 9.33 18.02
C GLY B 185 18.81 9.55 18.38
N MET B 186 18.08 8.52 18.84
CA MET B 186 16.70 8.66 19.38
C MET B 186 16.64 8.06 20.81
N GLU B 187 17.67 8.27 21.64
CA GLU B 187 17.72 7.69 23.02
C GLU B 187 16.93 8.60 24.00
N HIS B 188 16.76 9.92 23.67
CA HIS B 188 16.01 11.03 24.34
C HIS B 188 14.48 10.94 24.13
N LEU B 189 14.00 9.87 23.50
CA LEU B 189 12.58 9.58 23.22
C LEU B 189 12.20 8.20 23.77
N VAL B 190 13.10 7.46 24.42
CA VAL B 190 12.73 6.16 25.08
C VAL B 190 11.70 6.42 26.18
N PRO B 191 11.66 7.58 26.87
CA PRO B 191 10.61 7.81 27.88
C PRO B 191 9.21 7.77 27.25
N LEU B 192 9.00 8.59 26.23
CA LEU B 192 7.77 8.61 25.40
C LEU B 192 7.48 7.25 24.81
N ALA B 193 8.48 6.49 24.38
CA ALA B 193 8.28 5.11 23.86
C ALA B 193 7.62 4.27 24.95
N LYS B 194 8.14 4.31 26.18
CA LYS B 194 7.60 3.49 27.30
C LYS B 194 6.23 4.04 27.68
N GLU B 195 6.08 5.36 27.72
CA GLU B 195 4.79 6.08 27.91
C GLU B 195 3.77 5.51 26.89
N SER B 196 4.10 5.55 25.59
CA SER B 196 3.21 5.14 24.48
C SER B 196 2.78 3.70 24.72
N ARG B 197 3.72 2.77 24.86
CA ARG B 197 3.39 1.32 24.94
C ARG B 197 2.45 1.07 26.15
N ALA B 198 2.73 1.61 27.34
CA ALA B 198 1.92 1.35 28.56
C ALA B 198 0.56 2.04 28.45
N ALA B 199 0.50 3.30 28.00
CA ALA B 199 -0.77 4.03 27.76
C ALA B 199 -1.65 3.27 26.77
N ALA B 200 -1.03 2.52 25.86
CA ALA B 200 -1.70 1.70 24.83
C ALA B 200 -2.20 0.41 25.49
N GLU B 201 -1.35 -0.25 26.28
CA GLU B 201 -1.74 -1.44 27.08
C GLU B 201 -2.80 -1.03 28.10
N ARG B 202 -2.78 0.24 28.52
CA ARG B 202 -3.79 0.80 29.45
C ARG B 202 -5.13 0.83 28.74
N ALA B 203 -5.18 1.48 27.57
CA ALA B 203 -6.38 1.61 26.73
C ALA B 203 -6.88 0.22 26.34
N ILE B 204 -5.96 -0.71 26.03
CA ILE B 204 -6.30 -2.14 25.76
C ILE B 204 -6.99 -2.74 26.99
N ASP B 205 -6.49 -2.45 28.19
CA ASP B 205 -7.02 -3.05 29.44
C ASP B 205 -8.45 -2.51 29.72
N GLN B 206 -8.65 -1.19 29.60
CA GLN B 206 -9.94 -0.49 29.85
C GLN B 206 -10.86 -0.58 28.61
N ARG B 207 -11.42 -1.76 28.26
CA ARG B 207 -12.26 -1.92 27.02
C ARG B 207 -13.18 -3.14 27.11
N1 FMN C . -11.06 5.36 -7.52
C2 FMN C . -11.03 6.23 -6.51
O2 FMN C . -11.20 7.45 -6.72
N3 FMN C . -10.90 5.79 -5.23
C4 FMN C . -10.80 4.45 -4.90
O4 FMN C . -10.60 4.11 -3.75
C4A FMN C . -10.78 3.52 -5.96
N5 FMN C . -10.66 2.22 -5.70
C5A FMN C . -10.61 1.34 -6.76
C6 FMN C . -10.42 -0.03 -6.49
C7 FMN C . -10.30 -0.95 -7.52
C7M FMN C . -10.08 -2.41 -7.21
C8 FMN C . -10.41 -0.51 -8.88
C8M FMN C . -10.34 -1.46 -10.04
C9 FMN C . -10.61 0.82 -9.14
C9A FMN C . -10.69 1.78 -8.11
N10 FMN C . -10.89 3.16 -8.34
C10 FMN C . -10.91 4.08 -7.29
C1' FMN C . -10.88 3.68 -9.72
C2' FMN C . -9.45 3.79 -10.23
O2' FMN C . -8.64 4.70 -9.44
C3' FMN C . -9.44 4.23 -11.70
O3' FMN C . -10.07 3.27 -12.59
C4' FMN C . -8.03 4.48 -12.22
O4' FMN C . -8.13 4.83 -13.60
C5' FMN C . -7.13 3.28 -12.04
O5' FMN C . -6.01 3.25 -13.03
P FMN C . -6.03 2.13 -14.18
O1P FMN C . -7.21 2.54 -15.06
O2P FMN C . -6.20 0.75 -13.54
O3P FMN C . -4.72 2.22 -14.88
HN3 FMN C . -10.91 6.39 -4.60
H6 FMN C . -10.32 -0.33 -5.58
HM71 FMN C . -9.38 -2.76 -7.79
HM72 FMN C . -10.90 -2.91 -7.38
HM73 FMN C . -9.81 -2.51 -6.29
HM81 FMN C . -10.52 -1.00 -10.88
HM82 FMN C . -11.00 -2.16 -9.93
HM83 FMN C . -9.45 -1.86 -10.07
H9 FMN C . -10.67 1.10 -10.05
H1'1 FMN C . -11.30 4.55 -9.75
H1'2 FMN C . -11.40 3.10 -10.30
H2' FMN C . -9.03 2.90 -10.18
HO2' FMN C . -8.31 5.28 -9.95
H3' FMN C . -9.94 5.08 -11.76
HO3' FMN C . -9.50 3.05 -13.19
H4' FMN C . -7.62 5.27 -11.73
HO4' FMN C . -7.66 4.30 -14.06
H5'1 FMN C . -7.67 2.46 -12.14
H5'2 FMN C . -6.77 3.29 -11.14
C1 IPA D . -1.62 0.18 -23.43
C2 IPA D . -1.01 -1.16 -23.10
C3 IPA D . 0.05 -1.75 -24.03
O2 IPA D . -2.09 -2.10 -22.95
H11 IPA D . -2.28 0.41 -22.75
H12 IPA D . -2.06 0.12 -24.30
H13 IPA D . -0.92 0.86 -23.46
H2 IPA D . -0.58 -1.08 -22.20
H31 IPA D . -0.38 -2.33 -24.68
H32 IPA D . 0.68 -2.27 -23.51
H33 IPA D . 0.52 -1.03 -24.49
HO2 IPA D . -2.50 -2.17 -23.69
O2 PEG E . -15.19 12.14 -6.64
C3 PEG E . -15.58 13.34 -5.98
C4 PEG E . -15.64 14.47 -6.98
O4 PEG E . -16.58 14.22 -8.03
H31 PEG E . -16.46 13.21 -5.56
H32 PEG E . -14.94 13.56 -5.27
H41 PEG E . -15.90 15.30 -6.51
H42 PEG E . -14.75 14.61 -7.37
HO4 PEG E . -16.56 14.91 -8.56
O2 PEG F . -14.88 8.83 -5.46
C3 PEG F . -15.01 7.64 -6.24
C4 PEG F . -14.13 6.59 -5.67
O4 PEG F . -14.62 5.27 -5.84
H31 PEG F . -15.95 7.34 -6.21
H32 PEG F . -14.78 7.83 -7.17
H41 PEG F . -13.28 6.65 -6.13
H42 PEG F . -13.97 6.76 -4.73
HO4 PEG F . -14.06 4.72 -5.51
O2 PEG G . -3.71 -3.26 -5.30
C3 PEG G . -3.68 -4.13 -6.46
C4 PEG G . -5.05 -4.65 -6.62
O4 PEG G . -6.04 -3.63 -6.63
H31 PEG G . -3.42 -3.62 -7.25
H32 PEG G . -3.04 -4.86 -6.32
H41 PEG G . -5.10 -5.15 -7.47
H42 PEG G . -5.24 -5.29 -5.89
HO4 PEG G . -6.76 -3.98 -6.78
O2 PEG H . -9.72 4.16 -23.08
C3 PEG H . -9.35 3.44 -21.91
C4 PEG H . -10.39 2.47 -21.54
O4 PEG H . -10.26 1.28 -22.30
H31 PEG H . -8.49 2.97 -22.06
H32 PEG H . -9.21 4.07 -21.17
H41 PEG H . -10.33 2.25 -20.59
H42 PEG H . -11.28 2.86 -21.71
HO4 PEG H . -10.95 0.75 -22.05
O2 PEG I . -1.44 -3.54 -8.74
C3 PEG I . -0.75 -4.61 -9.32
C4 PEG I . -0.94 -5.81 -8.50
O4 PEG I . -0.66 -6.97 -9.18
H31 PEG I . -1.11 -4.77 -10.19
H32 PEG I . 0.20 -4.41 -9.42
H41 PEG I . -0.41 -5.77 -7.69
H42 PEG I . -1.88 -5.83 -8.22
HO4 PEG I . -0.77 -7.69 -8.69
N1 FMN J . 9.01 3.42 11.30
C2 FMN J . 8.67 4.68 10.86
O2 FMN J . 8.44 5.61 11.65
N3 FMN J . 8.52 4.96 9.53
C4 FMN J . 8.80 4.03 8.55
O4 FMN J . 8.61 4.32 7.38
C4A FMN J . 9.18 2.69 8.98
N5 FMN J . 9.46 1.77 8.07
C5A FMN J . 9.81 0.51 8.51
C6 FMN J . 10.07 -0.47 7.54
C7 FMN J . 10.37 -1.77 7.88
C7M FMN J . 10.63 -2.78 6.78
C8 FMN J . 10.48 -2.12 9.28
C8M FMN J . 10.84 -3.53 9.70
C9 FMN J . 10.22 -1.15 10.26
C9A FMN J . 9.87 0.17 9.90
N10 FMN J . 9.62 1.20 10.83
C10 FMN J . 9.27 2.47 10.41
C1' FMN J . 9.57 0.87 12.26
C2' FMN J . 8.26 0.11 12.60
O2' FMN J . 7.06 0.88 12.29
C3' FMN J . 8.21 -0.30 14.06
O3' FMN J . 9.21 -1.24 14.18
C4' FMN J . 6.90 -0.92 14.57
O4' FMN J . 7.06 -1.52 15.86
C5' FMN J . 6.40 -1.99 13.61
O5' FMN J . 5.56 -2.98 14.25
P FMN J . 6.06 -4.53 14.38
O1P FMN J . 7.20 -4.51 15.39
O2P FMN J . 6.48 -5.11 13.12
O3P FMN J . 4.86 -5.24 14.95
HN3 FMN J . 8.29 5.78 9.30
H6 FMN J . 9.98 -0.23 6.62
HM71 FMN J . 11.20 -3.49 7.11
HM72 FMN J . 11.07 -2.33 6.03
HM73 FMN J . 9.78 -3.15 6.48
HM81 FMN J . 10.77 -3.61 10.67
HM82 FMN J . 11.75 -3.73 9.42
HM83 FMN J . 10.24 -4.16 9.28
H9 FMN J . 10.29 -1.40 11.18
H1'1 FMN J . 9.63 1.66 12.77
H1'2 FMN J . 10.34 0.32 12.50
H2' FMN J . 8.22 -0.70 12.04
HO2' FMN J . 6.59 0.91 13.01
H3' FMN J . 8.43 0.48 14.63
HO3' FMN J . 8.87 -1.95 14.52
H4' FMN J . 6.20 -0.21 14.63
HO4' FMN J . 6.86 -2.36 15.86
H5'1 FMN J . 7.16 -2.45 13.20
H5'2 FMN J . 5.90 -1.55 12.89
O2 PEG K . -12.13 -10.31 -5.52
O2 PEG K . -11.02 -9.10 -7.59
C3 PEG K . -11.50 -9.12 -6.00
C3 PEG K . -11.50 -9.25 -6.25
C4 PEG K . -12.44 -7.96 -5.93
C4 PEG K . -11.57 -7.92 -5.50
O4 PEG K . -12.71 -7.58 -4.59
O4 PEG K . -12.84 -7.77 -4.81
H31 PEG K . -10.69 -8.94 -5.46
H31 PEG K . -12.39 -9.67 -6.27
H32 PEG K . -11.22 -9.26 -6.94
H32 PEG K . -10.90 -9.87 -5.76
H41 PEG K . -12.06 -7.19 -6.40
H41 PEG K . -10.84 -7.88 -4.85
H42 PEG K . -13.29 -8.19 -6.37
H42 PEG K . -11.47 -7.19 -6.14
HO4 PEG K . -13.21 -6.94 -4.56
HO4 PEG K . -12.82 -7.05 -4.38
#